data_2MAN
#
_entry.id   2MAN
#
_cell.length_a   46.819
_cell.length_b   71.588
_cell.length_c   98.102
_cell.angle_alpha   90.00
_cell.angle_beta   90.00
_cell.angle_gamma   90.00
#
_symmetry.space_group_name_H-M   'P 21 21 21'
#
loop_
_entity.id
_entity.type
_entity.pdbx_description
1 polymer 'PROTEIN (BETA-MANNANASE)'
2 branched beta-D-mannopyranose-(1-4)-alpha-D-mannopyranose
3 water water
#
_entity_poly.entity_id   1
_entity_poly.type   'polypeptide(L)'
_entity_poly.pdbx_seq_one_letter_code
;ATGLHVKNGRLYEANGQEFIIRGVSHPHNWYPQHTQAFADIKSHGANTVRVVLSNGVRWSKNGPSDVANVISLCKQNRLI
CMLEVHDTTGYGEQSGASTLDQAVDYWIELKSVLQGEEDYVLINIGNEPYGNDSATVAAWATDTSAAIQRLRAAGFEHTL
VVDAPNWGQDWTNTMRNNADQVYASDPTGNTVFSIHMYGVYSQASTITSYLEHFVNAGLPLIIGEFGHDHSDGNPDEDTI
MAEAERLKLGYIGWSWSGNGGGVEYLDMVYNFDGDNLSPWGERIFYGPNGIASTAKEAVIFG
;
_entity_poly.pdbx_strand_id   A
#
# COMPACT_ATOMS: atom_id res chain seq x y z
N ALA A 1 3.18 21.88 2.17
CA ALA A 1 4.08 21.46 3.26
C ALA A 1 4.19 19.94 3.28
N THR A 2 5.29 19.41 3.82
CA THR A 2 5.44 17.96 3.91
C THR A 2 4.82 17.48 5.22
N GLY A 3 4.25 16.29 5.25
CA GLY A 3 3.72 15.75 6.55
C GLY A 3 4.56 14.48 6.78
N LEU A 4 3.94 13.33 6.46
CA LEU A 4 4.69 12.07 6.52
C LEU A 4 5.87 12.22 5.55
N HIS A 5 7.02 11.74 5.96
CA HIS A 5 8.20 11.83 5.10
C HIS A 5 9.19 10.74 5.48
N VAL A 6 10.24 10.62 4.67
CA VAL A 6 11.24 9.61 4.81
C VAL A 6 12.54 10.23 5.31
N LYS A 7 13.14 9.57 6.29
CA LYS A 7 14.46 10.01 6.76
C LYS A 7 15.28 8.75 7.04
N ASN A 8 16.48 8.64 6.46
CA ASN A 8 17.33 7.49 6.71
C ASN A 8 16.64 6.15 6.48
N GLY A 9 15.87 6.08 5.40
CA GLY A 9 15.24 4.83 5.02
C GLY A 9 14.03 4.44 5.83
N ARG A 10 13.49 5.31 6.68
CA ARG A 10 12.31 5.01 7.49
C ARG A 10 11.26 6.11 7.37
N LEU A 11 10.04 5.81 7.81
CA LEU A 11 8.90 6.70 7.65
C LEU A 11 8.58 7.43 8.95
N TYR A 12 8.43 8.75 8.88
CA TYR A 12 8.21 9.60 10.00
C TYR A 12 7.06 10.59 9.85
N GLU A 13 6.36 10.84 10.97
CA GLU A 13 5.41 11.94 10.96
C GLU A 13 6.22 13.24 11.06
N ALA A 14 5.64 14.37 10.70
CA ALA A 14 6.25 15.68 10.69
C ALA A 14 6.82 16.12 12.03
N ASN A 15 6.36 15.57 13.14
CA ASN A 15 6.89 15.89 14.45
C ASN A 15 8.12 15.04 14.75
N GLY A 16 8.53 14.18 13.81
CA GLY A 16 9.74 13.39 14.02
C GLY A 16 9.46 12.04 14.64
N GLN A 17 8.20 11.66 14.79
CA GLN A 17 7.91 10.35 15.37
C GLN A 17 7.91 9.30 14.25
N GLU A 18 8.58 8.20 14.46
CA GLU A 18 8.59 7.14 13.44
C GLU A 18 7.20 6.51 13.37
N PHE A 19 6.79 6.15 12.17
CA PHE A 19 5.46 5.57 11.97
C PHE A 19 5.64 4.22 11.31
N ILE A 20 5.11 3.20 11.99
CA ILE A 20 5.21 1.83 11.49
C ILE A 20 3.78 1.38 11.12
N ILE A 21 3.54 1.32 9.83
CA ILE A 21 2.21 0.97 9.30
C ILE A 21 1.83 -0.44 9.71
N ARG A 22 0.59 -0.55 10.20
CA ARG A 22 0.01 -1.83 10.60
C ARG A 22 -1.46 -1.78 10.17
N GLY A 23 -1.75 -2.20 8.93
CA GLY A 23 -3.09 -2.00 8.44
C GLY A 23 -3.60 -3.09 7.53
N VAL A 24 -4.74 -2.77 6.91
CA VAL A 24 -5.38 -3.74 6.00
C VAL A 24 -5.94 -2.96 4.82
N SER A 25 -6.16 -3.64 3.69
CA SER A 25 -6.78 -2.98 2.55
C SER A 25 -8.31 -3.14 2.64
N HIS A 26 -9.01 -2.15 2.10
CA HIS A 26 -10.48 -2.21 2.08
C HIS A 26 -10.93 -1.89 0.66
N PRO A 27 -11.74 -2.72 0.04
CA PRO A 27 -12.14 -2.56 -1.35
C PRO A 27 -13.25 -1.55 -1.59
N HIS A 28 -12.99 -0.32 -1.20
CA HIS A 28 -13.91 0.80 -1.32
C HIS A 28 -14.54 0.94 -2.71
N ASN A 29 -13.75 0.90 -3.77
CA ASN A 29 -14.26 1.08 -5.12
C ASN A 29 -15.38 0.09 -5.45
N TRP A 30 -15.16 -1.16 -5.05
CA TRP A 30 -16.10 -2.22 -5.41
C TRP A 30 -17.24 -2.33 -4.45
N TYR A 31 -17.07 -1.75 -3.23
CA TYR A 31 -18.11 -1.84 -2.22
C TYR A 31 -18.34 -0.50 -1.56
N PRO A 32 -18.83 0.50 -2.29
CA PRO A 32 -19.07 1.84 -1.77
C PRO A 32 -20.05 1.91 -0.62
N GLN A 33 -20.96 0.97 -0.49
CA GLN A 33 -21.97 0.89 0.57
C GLN A 33 -21.39 0.47 1.91
N HIS A 34 -20.15 -0.03 1.91
CA HIS A 34 -19.58 -0.49 3.19
C HIS A 34 -18.61 0.49 3.79
N THR A 35 -18.97 1.75 3.95
CA THR A 35 -18.13 2.75 4.58
C THR A 35 -18.04 2.57 6.08
N GLN A 36 -18.82 1.67 6.71
CA GLN A 36 -18.65 1.37 8.12
C GLN A 36 -17.34 0.64 8.38
N ALA A 37 -16.77 0.02 7.35
CA ALA A 37 -15.50 -0.69 7.47
C ALA A 37 -14.41 0.17 8.07
N PHE A 38 -14.35 1.47 7.76
CA PHE A 38 -13.31 2.32 8.35
C PHE A 38 -13.31 2.28 9.88
N ALA A 39 -14.49 2.44 10.49
CA ALA A 39 -14.54 2.36 11.95
C ALA A 39 -14.31 0.94 12.44
N ASP A 40 -14.79 -0.10 11.75
CA ASP A 40 -14.57 -1.49 12.14
C ASP A 40 -13.09 -1.85 12.14
N ILE A 41 -12.37 -1.41 11.11
CA ILE A 41 -10.92 -1.69 11.01
C ILE A 41 -10.16 -1.05 12.15
N LYS A 42 -10.49 0.20 12.48
CA LYS A 42 -9.90 0.90 13.60
C LYS A 42 -10.21 0.17 14.91
N SER A 43 -11.43 -0.38 15.04
CA SER A 43 -11.83 -1.04 16.29
C SER A 43 -10.95 -2.24 16.62
N HIS A 44 -10.35 -2.88 15.60
CA HIS A 44 -9.46 -4.00 15.83
C HIS A 44 -7.99 -3.62 15.98
N GLY A 45 -7.71 -2.33 15.99
CA GLY A 45 -6.39 -1.81 16.26
C GLY A 45 -5.57 -1.34 15.08
N ALA A 46 -6.03 -1.48 13.83
CA ALA A 46 -5.16 -0.98 12.73
C ALA A 46 -4.88 0.51 12.83
N ASN A 47 -3.75 0.98 12.32
CA ASN A 47 -3.41 2.40 12.33
C ASN A 47 -3.46 2.98 10.93
N THR A 48 -3.62 2.11 9.94
CA THR A 48 -3.63 2.50 8.53
C THR A 48 -4.67 1.70 7.79
N VAL A 49 -5.27 2.29 6.76
CA VAL A 49 -6.11 1.53 5.86
C VAL A 49 -5.65 1.87 4.43
N ARG A 50 -5.48 0.83 3.62
CA ARG A 50 -5.13 1.01 2.21
C ARG A 50 -6.45 1.01 1.43
N VAL A 51 -6.82 2.09 0.77
CA VAL A 51 -8.17 2.14 0.15
C VAL A 51 -8.12 1.90 -1.35
N VAL A 52 -8.89 0.96 -1.86
CA VAL A 52 -8.90 0.66 -3.29
C VAL A 52 -9.74 1.71 -4.03
N LEU A 53 -9.10 2.45 -4.90
CA LEU A 53 -9.76 3.45 -5.74
C LEU A 53 -9.59 3.04 -7.20
N SER A 54 -10.37 3.65 -8.08
CA SER A 54 -10.23 3.41 -9.50
C SER A 54 -10.05 4.73 -10.24
N ASN A 55 -9.24 4.74 -11.30
CA ASN A 55 -9.11 5.98 -12.08
C ASN A 55 -10.08 5.95 -13.27
N GLY A 56 -10.96 4.97 -13.37
CA GLY A 56 -11.94 4.90 -14.44
C GLY A 56 -11.48 4.14 -15.67
N VAL A 57 -10.27 3.55 -15.64
CA VAL A 57 -9.79 2.83 -16.82
C VAL A 57 -10.46 1.47 -16.86
N ARG A 58 -10.39 0.80 -15.71
CA ARG A 58 -10.97 -0.54 -15.63
C ARG A 58 -12.25 -0.57 -14.81
N TRP A 59 -12.39 0.21 -13.75
CA TRP A 59 -13.63 0.17 -12.94
C TRP A 59 -14.24 1.56 -13.00
N SER A 60 -15.17 1.94 -12.14
CA SER A 60 -15.73 3.28 -12.22
C SER A 60 -14.89 4.23 -11.39
N LYS A 61 -14.62 5.37 -12.03
CA LYS A 61 -13.77 6.34 -11.36
C LYS A 61 -14.29 6.83 -10.03
N ASN A 62 -13.39 6.99 -9.05
CA ASN A 62 -13.78 7.62 -7.80
C ASN A 62 -13.49 9.12 -7.96
N GLY A 63 -14.55 9.92 -8.03
CA GLY A 63 -14.38 11.37 -8.19
C GLY A 63 -13.90 12.07 -6.93
N PRO A 64 -13.54 13.35 -7.05
CA PRO A 64 -13.02 14.17 -5.98
C PRO A 64 -13.85 14.18 -4.72
N SER A 65 -15.17 14.34 -4.85
CA SER A 65 -16.02 14.37 -3.67
C SER A 65 -15.99 13.01 -2.97
N ASP A 66 -15.89 11.95 -3.75
CA ASP A 66 -15.90 10.60 -3.13
C ASP A 66 -14.60 10.44 -2.35
N VAL A 67 -13.50 10.82 -3.01
CA VAL A 67 -12.19 10.75 -2.38
C VAL A 67 -12.10 11.66 -1.20
N ALA A 68 -12.67 12.85 -1.23
CA ALA A 68 -12.71 13.71 -0.05
C ALA A 68 -13.44 13.01 1.10
N ASN A 69 -14.50 12.29 0.80
CA ASN A 69 -15.28 11.60 1.83
C ASN A 69 -14.48 10.47 2.46
N VAL A 70 -13.73 9.72 1.65
CA VAL A 70 -12.85 8.67 2.18
C VAL A 70 -11.80 9.28 3.09
N ILE A 71 -11.20 10.41 2.67
CA ILE A 71 -10.19 11.02 3.57
C ILE A 71 -10.81 11.42 4.89
N SER A 72 -12.05 11.96 4.91
CA SER A 72 -12.61 12.35 6.20
C SER A 72 -12.92 11.10 7.07
N LEU A 73 -13.33 9.99 6.46
CA LEU A 73 -13.57 8.75 7.17
C LEU A 73 -12.30 8.21 7.82
N CYS A 74 -11.19 8.36 7.07
CA CYS A 74 -9.91 7.99 7.66
C CYS A 74 -9.65 8.90 8.86
N LYS A 75 -9.70 10.22 8.66
CA LYS A 75 -9.37 11.17 9.72
C LYS A 75 -10.27 11.05 10.92
N GLN A 76 -11.57 10.87 10.66
CA GLN A 76 -12.57 10.71 11.71
C GLN A 76 -12.25 9.48 12.54
N ASN A 77 -11.76 8.42 11.89
CA ASN A 77 -11.44 7.19 12.60
C ASN A 77 -9.99 7.06 13.01
N ARG A 78 -9.22 8.14 12.88
CA ARG A 78 -7.83 8.17 13.32
C ARG A 78 -6.99 7.07 12.65
N LEU A 79 -7.11 7.00 11.34
CA LEU A 79 -6.35 6.02 10.56
C LEU A 79 -5.57 6.82 9.51
N ILE A 80 -4.34 6.44 9.24
CA ILE A 80 -3.64 7.11 8.12
C ILE A 80 -4.26 6.46 6.89
N CYS A 81 -4.52 7.21 5.85
CA CYS A 81 -5.18 6.72 4.64
C CYS A 81 -4.21 6.48 3.49
N MET A 82 -3.98 5.24 3.06
CA MET A 82 -3.14 5.01 1.88
C MET A 82 -4.07 4.81 0.69
N LEU A 83 -4.10 5.83 -0.20
CA LEU A 83 -4.99 5.70 -1.34
C LEU A 83 -4.26 4.96 -2.47
N GLU A 84 -4.89 4.07 -3.22
CA GLU A 84 -4.20 3.42 -4.34
C GLU A 84 -5.07 3.27 -5.57
N VAL A 85 -4.49 3.45 -6.77
CA VAL A 85 -5.24 3.27 -8.01
C VAL A 85 -5.12 1.82 -8.44
N HIS A 86 -6.21 1.05 -8.45
CA HIS A 86 -6.09 -0.37 -8.71
C HIS A 86 -6.05 -0.75 -10.17
N ASP A 87 -6.46 0.12 -11.08
CA ASP A 87 -6.51 -0.16 -12.50
C ASP A 87 -5.22 -0.53 -13.19
N THR A 88 -4.05 -0.19 -12.66
CA THR A 88 -2.75 -0.48 -13.27
C THR A 88 -2.36 -1.94 -13.16
N THR A 89 -3.06 -2.70 -12.33
CA THR A 89 -2.73 -4.08 -12.05
C THR A 89 -2.39 -4.93 -13.25
N GLY A 90 -1.18 -5.50 -13.26
CA GLY A 90 -0.80 -6.47 -14.31
C GLY A 90 -0.63 -5.95 -15.73
N TYR A 91 -0.42 -4.66 -15.89
CA TYR A 91 -0.24 -4.00 -17.16
C TYR A 91 0.92 -4.66 -17.91
N GLY A 92 0.67 -4.91 -19.18
CA GLY A 92 1.59 -5.51 -20.12
C GLY A 92 1.18 -6.98 -20.29
N GLU A 93 0.36 -7.47 -19.39
CA GLU A 93 -0.15 -8.83 -19.38
C GLU A 93 -1.67 -8.78 -19.28
N GLN A 94 -2.20 -8.12 -18.26
CA GLN A 94 -3.64 -8.00 -18.06
C GLN A 94 -4.28 -7.09 -19.11
N SER A 95 -5.25 -7.62 -19.87
CA SER A 95 -5.91 -6.79 -20.88
C SER A 95 -6.71 -5.66 -20.24
N GLY A 96 -6.62 -4.46 -20.78
CA GLY A 96 -7.30 -3.26 -20.37
C GLY A 96 -6.74 -2.57 -19.13
N ALA A 97 -5.53 -2.91 -18.71
CA ALA A 97 -4.95 -2.23 -17.54
C ALA A 97 -4.55 -0.82 -17.88
N SER A 98 -4.49 0.01 -16.83
CA SER A 98 -4.03 1.38 -16.94
C SER A 98 -2.50 1.42 -16.88
N THR A 99 -1.97 2.49 -17.47
CA THR A 99 -0.53 2.72 -17.34
C THR A 99 -0.35 3.59 -16.09
N LEU A 100 0.88 3.72 -15.59
CA LEU A 100 1.14 4.59 -14.46
C LEU A 100 0.89 6.04 -14.86
N ASP A 101 1.17 6.38 -16.12
CA ASP A 101 0.90 7.77 -16.54
C ASP A 101 -0.58 8.12 -16.46
N GLN A 102 -1.45 7.16 -16.80
CA GLN A 102 -2.89 7.36 -16.67
C GLN A 102 -3.29 7.47 -15.20
N ALA A 103 -2.63 6.71 -14.33
CA ALA A 103 -2.85 6.84 -12.89
C ALA A 103 -2.45 8.26 -12.47
N VAL A 104 -1.30 8.74 -12.94
CA VAL A 104 -0.83 10.08 -12.58
C VAL A 104 -1.83 11.12 -13.07
N ASP A 105 -2.37 10.96 -14.27
CA ASP A 105 -3.40 11.90 -14.74
C ASP A 105 -4.51 12.02 -13.69
N TYR A 106 -4.92 10.89 -13.11
CA TYR A 106 -5.98 10.86 -12.10
C TYR A 106 -5.62 11.54 -10.80
N TRP A 107 -4.43 11.29 -10.25
CA TRP A 107 -3.96 11.93 -9.04
C TRP A 107 -3.94 13.46 -9.21
N ILE A 108 -3.48 13.95 -10.36
CA ILE A 108 -3.45 15.39 -10.62
C ILE A 108 -4.85 15.98 -10.58
N GLU A 109 -5.83 15.27 -11.08
CA GLU A 109 -7.25 15.64 -11.06
C GLU A 109 -7.79 15.74 -9.64
N LEU A 110 -7.28 14.96 -8.69
CA LEU A 110 -7.65 15.05 -7.29
C LEU A 110 -6.80 16.05 -6.52
N LYS A 111 -5.91 16.75 -7.20
CA LYS A 111 -5.00 17.68 -6.54
C LYS A 111 -5.64 18.54 -5.47
N SER A 112 -6.78 19.17 -5.75
CA SER A 112 -7.39 20.04 -4.75
C SER A 112 -7.90 19.31 -3.53
N VAL A 113 -8.20 18.02 -3.54
CA VAL A 113 -8.63 17.36 -2.31
C VAL A 113 -7.47 16.69 -1.59
N LEU A 114 -6.34 16.49 -2.27
CA LEU A 114 -5.20 15.83 -1.61
C LEU A 114 -4.24 16.86 -1.04
N GLN A 115 -4.06 17.99 -1.71
CA GLN A 115 -3.12 19.01 -1.19
C GLN A 115 -3.54 19.50 0.18
N GLY A 116 -2.64 19.54 1.15
CA GLY A 116 -2.90 19.92 2.52
C GLY A 116 -3.21 18.75 3.45
N GLU A 117 -3.21 17.52 2.92
CA GLU A 117 -3.48 16.33 3.70
C GLU A 117 -2.25 15.43 3.80
N GLU A 118 -1.07 16.00 3.62
CA GLU A 118 0.21 15.31 3.67
C GLU A 118 0.50 14.61 4.98
N ASP A 119 -0.13 15.02 6.10
CA ASP A 119 0.07 14.36 7.37
C ASP A 119 -0.80 13.13 7.45
N TYR A 120 -1.84 13.02 6.61
CA TYR A 120 -2.80 11.95 6.79
C TYR A 120 -2.84 10.93 5.68
N VAL A 121 -2.40 11.32 4.48
CA VAL A 121 -2.58 10.48 3.32
C VAL A 121 -1.25 10.11 2.66
N LEU A 122 -1.17 8.85 2.25
CA LEU A 122 -0.02 8.37 1.47
C LEU A 122 -0.58 8.02 0.10
N ILE A 123 0.19 8.29 -0.95
CA ILE A 123 -0.32 8.00 -2.29
C ILE A 123 0.43 6.81 -2.90
N ASN A 124 -0.25 5.69 -3.03
CA ASN A 124 0.32 4.49 -3.69
C ASN A 124 -0.07 4.65 -5.15
N ILE A 125 0.88 5.04 -6.02
CA ILE A 125 0.62 5.52 -7.35
C ILE A 125 -0.27 4.60 -8.17
N GLY A 126 0.09 3.31 -8.19
CA GLY A 126 -0.71 2.34 -8.94
C GLY A 126 -0.36 0.93 -8.37
N ASN A 127 -1.38 0.15 -8.12
CA ASN A 127 -1.20 -1.20 -7.60
C ASN A 127 -0.50 -2.09 -8.62
N GLU A 128 0.45 -2.91 -8.16
CA GLU A 128 1.09 -3.93 -8.99
C GLU A 128 1.11 -3.59 -10.48
N PRO A 129 1.87 -2.57 -10.88
CA PRO A 129 1.70 -1.94 -12.16
C PRO A 129 2.22 -2.67 -13.36
N TYR A 130 2.89 -3.82 -13.18
CA TYR A 130 3.32 -4.66 -14.31
C TYR A 130 3.00 -6.12 -13.98
N GLY A 131 2.65 -6.90 -15.00
CA GLY A 131 2.46 -8.34 -14.84
C GLY A 131 3.84 -8.95 -15.05
N ASN A 132 3.97 -9.98 -15.87
CA ASN A 132 5.23 -10.66 -16.12
C ASN A 132 5.81 -10.49 -17.53
N ASP A 133 5.14 -9.69 -18.35
CA ASP A 133 5.66 -9.48 -19.72
C ASP A 133 7.04 -8.86 -19.62
N SER A 134 8.05 -9.51 -20.19
CA SER A 134 9.42 -9.00 -20.04
C SER A 134 9.70 -7.61 -20.56
N ALA A 135 9.13 -7.26 -21.70
CA ALA A 135 9.40 -5.96 -22.30
C ALA A 135 8.80 -4.86 -21.42
N THR A 136 7.63 -5.03 -20.80
CA THR A 136 7.14 -3.93 -19.96
C THR A 136 7.70 -3.97 -18.56
N VAL A 137 7.99 -5.16 -18.02
CA VAL A 137 8.68 -5.21 -16.71
C VAL A 137 10.01 -4.47 -16.86
N ALA A 138 10.67 -4.49 -18.03
CA ALA A 138 11.95 -3.79 -18.17
C ALA A 138 11.80 -2.28 -18.09
N ALA A 139 10.62 -1.70 -18.22
CA ALA A 139 10.34 -0.31 -18.07
C ALA A 139 9.91 0.11 -16.67
N TRP A 140 9.83 -0.83 -15.70
CA TRP A 140 9.42 -0.45 -14.35
C TRP A 140 10.17 0.77 -13.83
N ALA A 141 11.51 0.72 -13.84
CA ALA A 141 12.25 1.83 -13.23
C ALA A 141 12.06 3.15 -13.93
N THR A 142 12.05 3.14 -15.26
CA THR A 142 11.91 4.41 -15.99
C THR A 142 10.51 4.96 -15.87
N ASP A 143 9.48 4.15 -16.02
CA ASP A 143 8.10 4.55 -15.88
C ASP A 143 7.78 5.02 -14.47
N THR A 144 8.29 4.33 -13.45
CA THR A 144 8.01 4.72 -12.06
C THR A 144 8.68 6.07 -11.75
N SER A 145 9.91 6.23 -12.20
CA SER A 145 10.65 7.48 -12.00
C SER A 145 9.91 8.62 -12.70
N ALA A 146 9.43 8.31 -13.91
CA ALA A 146 8.69 9.34 -14.66
C ALA A 146 7.43 9.80 -13.94
N ALA A 147 6.70 8.84 -13.35
CA ALA A 147 5.48 9.14 -12.61
C ALA A 147 5.82 9.95 -11.38
N ILE A 148 6.90 9.57 -10.69
CA ILE A 148 7.25 10.40 -9.52
C ILE A 148 7.58 11.84 -9.91
N GLN A 149 8.37 11.99 -10.96
CA GLN A 149 8.76 13.34 -11.42
C GLN A 149 7.54 14.15 -11.83
N ARG A 150 6.54 13.56 -12.47
CA ARG A 150 5.32 14.26 -12.82
C ARG A 150 4.55 14.75 -11.61
N LEU A 151 4.49 13.89 -10.59
CA LEU A 151 3.75 14.23 -9.37
C LEU A 151 4.46 15.36 -8.65
N ARG A 152 5.79 15.31 -8.56
CA ARG A 152 6.46 16.37 -7.82
C ARG A 152 6.32 17.69 -8.59
N ALA A 153 6.33 17.60 -9.91
CA ALA A 153 6.19 18.78 -10.75
C ALA A 153 4.81 19.37 -10.64
N ALA A 154 3.77 18.59 -10.37
CA ALA A 154 2.43 19.11 -10.19
C ALA A 154 2.26 19.68 -8.79
N GLY A 155 3.25 19.67 -7.91
CA GLY A 155 3.16 20.23 -6.60
C GLY A 155 2.89 19.23 -5.50
N PHE A 156 2.87 17.92 -5.78
CA PHE A 156 2.59 17.02 -4.63
C PHE A 156 3.75 16.89 -3.68
N GLU A 157 3.46 17.04 -2.38
CA GLU A 157 4.52 16.87 -1.39
C GLU A 157 4.34 15.60 -0.58
N HIS A 158 3.28 14.83 -0.85
CA HIS A 158 3.04 13.66 -0.01
C HIS A 158 4.15 12.62 -0.10
N THR A 159 4.15 11.65 0.82
CA THR A 159 5.05 10.52 0.63
C THR A 159 4.35 9.62 -0.40
N LEU A 160 5.09 9.17 -1.40
CA LEU A 160 4.54 8.33 -2.45
C LEU A 160 4.95 6.86 -2.23
N VAL A 161 4.08 5.94 -2.59
CA VAL A 161 4.38 4.52 -2.33
C VAL A 161 4.39 3.85 -3.70
N VAL A 162 5.44 3.19 -4.12
CA VAL A 162 5.45 2.60 -5.46
C VAL A 162 5.53 1.08 -5.38
N ASP A 163 4.72 0.40 -6.20
CA ASP A 163 4.65 -1.05 -6.19
C ASP A 163 5.67 -1.66 -7.14
N ALA A 164 5.92 -2.95 -7.00
CA ALA A 164 6.84 -3.71 -7.84
C ALA A 164 6.16 -4.33 -9.07
N PRO A 165 6.96 -4.74 -10.05
CA PRO A 165 6.47 -5.49 -11.21
C PRO A 165 6.26 -6.94 -10.82
N ASN A 166 5.96 -7.80 -11.79
CA ASN A 166 5.68 -9.22 -11.55
C ASN A 166 4.47 -9.35 -10.62
N TRP A 167 3.45 -8.55 -10.93
CA TRP A 167 2.20 -8.51 -10.18
C TRP A 167 2.50 -8.18 -8.72
N GLY A 168 3.43 -7.28 -8.44
CA GLY A 168 3.74 -6.90 -7.09
C GLY A 168 4.76 -7.78 -6.38
N GLN A 169 5.08 -8.96 -6.89
CA GLN A 169 5.95 -9.86 -6.14
C GLN A 169 7.42 -9.74 -6.48
N ASP A 170 7.76 -9.01 -7.53
CA ASP A 170 9.14 -8.82 -7.91
C ASP A 170 10.00 -10.09 -7.91
N TRP A 171 9.53 -11.18 -8.53
CA TRP A 171 10.31 -12.42 -8.52
C TRP A 171 11.49 -12.30 -9.46
N THR A 172 11.50 -11.34 -10.39
CA THR A 172 12.65 -11.03 -11.22
C THR A 172 13.66 -10.18 -10.46
N ASN A 173 13.31 -9.63 -9.30
CA ASN A 173 14.18 -8.76 -8.52
C ASN A 173 14.54 -7.47 -9.24
N THR A 174 13.63 -7.03 -10.11
CA THR A 174 13.75 -5.78 -10.82
C THR A 174 13.63 -4.62 -9.83
N MET A 175 12.60 -4.63 -8.96
CA MET A 175 12.50 -3.53 -7.99
C MET A 175 13.69 -3.58 -7.05
N ARG A 176 14.03 -4.77 -6.56
CA ARG A 176 15.17 -4.90 -5.66
C ARG A 176 16.47 -4.34 -6.19
N ASN A 177 16.85 -4.68 -7.42
CA ASN A 177 18.10 -4.23 -8.00
C ASN A 177 18.07 -2.80 -8.48
N ASN A 178 16.91 -2.21 -8.73
CA ASN A 178 16.84 -0.87 -9.29
C ASN A 178 16.17 0.18 -8.42
N ALA A 179 15.80 -0.14 -7.16
CA ALA A 179 15.11 0.84 -6.32
C ALA A 179 16.00 2.06 -6.00
N ASP A 180 17.33 1.82 -6.03
CA ASP A 180 18.21 2.98 -5.76
C ASP A 180 18.08 4.04 -6.85
N GLN A 181 17.98 3.61 -8.10
CA GLN A 181 17.85 4.56 -9.22
C GLN A 181 16.55 5.32 -9.11
N VAL A 182 15.46 4.63 -8.73
CA VAL A 182 14.16 5.26 -8.63
C VAL A 182 14.11 6.22 -7.46
N TYR A 183 14.73 5.80 -6.34
CA TYR A 183 14.74 6.66 -5.15
C TYR A 183 15.47 7.98 -5.45
N ALA A 184 16.59 7.86 -6.18
CA ALA A 184 17.36 9.05 -6.50
C ALA A 184 16.57 10.05 -7.33
N SER A 185 15.57 9.56 -8.06
CA SER A 185 14.78 10.38 -8.96
C SER A 185 13.73 11.20 -8.24
N ASP A 186 13.53 11.02 -6.95
CA ASP A 186 12.58 11.85 -6.20
C ASP A 186 13.45 12.90 -5.52
N PRO A 187 13.31 14.17 -5.91
CA PRO A 187 14.08 15.25 -5.33
C PRO A 187 13.86 15.45 -3.85
N THR A 188 12.70 15.05 -3.32
CA THR A 188 12.34 15.20 -1.92
C THR A 188 12.70 14.01 -1.07
N GLY A 189 12.96 12.85 -1.68
CA GLY A 189 13.34 11.64 -0.94
C GLY A 189 12.14 10.94 -0.31
N ASN A 190 10.91 11.38 -0.61
CA ASN A 190 9.74 10.84 0.08
C ASN A 190 9.01 9.83 -0.79
N THR A 191 9.74 8.75 -1.04
CA THR A 191 9.20 7.64 -1.86
C THR A 191 9.45 6.36 -1.03
N VAL A 192 8.44 5.50 -0.96
CA VAL A 192 8.59 4.25 -0.19
C VAL A 192 8.29 3.12 -1.19
N PHE A 193 9.05 2.02 -1.15
CA PHE A 193 8.84 0.91 -2.06
C PHE A 193 7.84 -0.04 -1.36
N SER A 194 7.09 -0.79 -2.12
CA SER A 194 6.11 -1.70 -1.53
C SER A 194 6.19 -3.06 -2.21
N ILE A 195 6.40 -4.08 -1.39
CA ILE A 195 6.45 -5.45 -1.95
C ILE A 195 5.14 -6.17 -1.57
N HIS A 196 4.60 -6.99 -2.46
CA HIS A 196 3.38 -7.75 -2.14
C HIS A 196 3.82 -9.21 -2.04
N MET A 197 3.57 -9.85 -0.91
CA MET A 197 4.09 -11.20 -0.74
C MET A 197 3.00 -12.27 -0.76
N TYR A 198 2.97 -12.99 -1.90
CA TYR A 198 2.06 -14.11 -2.03
C TYR A 198 2.87 -15.38 -2.26
N GLY A 199 2.54 -16.18 -3.28
CA GLY A 199 3.19 -17.48 -3.47
C GLY A 199 4.66 -17.57 -3.75
N VAL A 200 5.30 -16.47 -4.17
CA VAL A 200 6.74 -16.47 -4.36
C VAL A 200 7.42 -16.52 -3.01
N TYR A 201 6.75 -16.05 -1.94
CA TYR A 201 7.32 -15.92 -0.61
C TYR A 201 6.83 -17.01 0.33
N SER A 202 6.76 -18.26 -0.14
CA SER A 202 6.34 -19.33 0.76
C SER A 202 7.51 -19.78 1.64
N GLN A 203 8.74 -19.48 1.25
CA GLN A 203 9.90 -19.84 2.06
C GLN A 203 10.43 -18.70 2.91
N ALA A 204 10.71 -18.95 4.19
CA ALA A 204 11.28 -17.96 5.10
C ALA A 204 12.58 -17.36 4.54
N SER A 205 13.44 -18.19 3.95
CA SER A 205 14.69 -17.71 3.38
C SER A 205 14.48 -16.61 2.34
N THR A 206 13.55 -16.77 1.42
CA THR A 206 13.28 -15.71 0.44
C THR A 206 12.76 -14.44 1.06
N ILE A 207 11.84 -14.54 2.04
CA ILE A 207 11.29 -13.39 2.73
C ILE A 207 12.38 -12.58 3.38
N THR A 208 13.18 -13.29 4.20
CA THR A 208 14.24 -12.63 4.95
C THR A 208 15.26 -11.92 4.09
N SER A 209 15.69 -12.60 3.03
CA SER A 209 16.66 -12.02 2.11
C SER A 209 16.14 -10.76 1.44
N TYR A 210 14.88 -10.79 1.01
CA TYR A 210 14.27 -9.63 0.36
C TYR A 210 14.16 -8.45 1.32
N LEU A 211 13.65 -8.65 2.55
CA LEU A 211 13.50 -7.56 3.49
C LEU A 211 14.85 -6.99 3.95
N GLU A 212 15.83 -7.86 4.15
CA GLU A 212 17.12 -7.38 4.63
C GLU A 212 17.86 -6.57 3.58
N HIS A 213 17.71 -6.93 2.33
CA HIS A 213 18.32 -6.15 1.24
C HIS A 213 17.93 -4.66 1.38
N PHE A 214 16.61 -4.41 1.51
CA PHE A 214 16.16 -3.01 1.62
C PHE A 214 16.61 -2.36 2.92
N VAL A 215 16.47 -3.07 4.05
CA VAL A 215 16.86 -2.45 5.32
C VAL A 215 18.37 -2.17 5.36
N ASN A 216 19.19 -3.13 4.90
CA ASN A 216 20.63 -2.93 4.94
C ASN A 216 21.09 -1.80 4.01
N ALA A 217 20.35 -1.57 2.93
CA ALA A 217 20.69 -0.49 2.03
C ALA A 217 20.05 0.84 2.35
N GLY A 218 19.21 0.96 3.38
CA GLY A 218 18.54 2.20 3.71
C GLY A 218 17.44 2.54 2.71
N LEU A 219 16.95 1.57 1.94
CA LEU A 219 15.82 1.80 1.03
C LEU A 219 14.52 1.58 1.81
N PRO A 220 13.61 2.55 1.83
CA PRO A 220 12.36 2.47 2.58
C PRO A 220 11.43 1.42 1.99
N LEU A 221 10.86 0.58 2.86
CA LEU A 221 10.08 -0.53 2.33
C LEU A 221 8.88 -0.83 3.21
N ILE A 222 7.76 -1.16 2.57
CA ILE A 222 6.63 -1.71 3.33
C ILE A 222 6.17 -2.98 2.62
N ILE A 223 5.48 -3.84 3.36
CA ILE A 223 4.86 -5.04 2.74
C ILE A 223 3.42 -4.58 2.50
N GLY A 224 3.17 -4.07 1.28
CA GLY A 224 1.90 -3.46 0.93
C GLY A 224 0.72 -4.42 0.87
N GLU A 225 1.00 -5.69 0.60
CA GLU A 225 -0.06 -6.70 0.60
C GLU A 225 0.62 -8.01 1.00
N PHE A 226 -0.13 -8.89 1.66
CA PHE A 226 0.37 -10.24 1.86
C PHE A 226 -0.88 -11.08 2.18
N GLY A 227 -0.72 -12.38 1.97
CA GLY A 227 -1.87 -13.27 2.25
C GLY A 227 -1.38 -14.32 3.26
N HIS A 228 -2.09 -15.44 3.33
CA HIS A 228 -1.66 -16.42 4.34
C HIS A 228 -1.44 -17.80 3.76
N ASP A 229 -0.90 -18.68 4.58
CA ASP A 229 -0.69 -20.09 4.50
C ASP A 229 0.73 -20.66 4.51
N ASN A 234 1.18 -19.98 -1.43
CA ASN A 234 1.10 -19.91 -0.10
C ASN A 234 2.26 -19.21 0.62
N PRO A 235 2.13 -17.91 0.86
CA PRO A 235 3.16 -17.18 1.60
C PRO A 235 3.19 -17.62 3.05
N ASP A 236 4.38 -17.56 3.65
CA ASP A 236 4.53 -17.93 5.07
C ASP A 236 4.20 -16.69 5.90
N GLU A 237 2.94 -16.51 6.31
CA GLU A 237 2.56 -15.27 7.00
C GLU A 237 3.17 -15.17 8.39
N ASP A 238 3.44 -16.31 9.03
CA ASP A 238 4.13 -16.26 10.30
C ASP A 238 5.48 -15.59 10.20
N THR A 239 6.29 -15.92 9.18
CA THR A 239 7.61 -15.32 9.02
C THR A 239 7.52 -13.89 8.54
N ILE A 240 6.57 -13.65 7.61
CA ILE A 240 6.40 -12.24 7.18
C ILE A 240 6.10 -11.34 8.37
N MET A 241 5.17 -11.69 9.25
CA MET A 241 4.85 -10.83 10.40
C MET A 241 6.00 -10.73 11.37
N ALA A 242 6.63 -11.85 11.73
CA ALA A 242 7.76 -11.83 12.65
C ALA A 242 8.91 -10.95 12.17
N GLU A 243 9.25 -11.06 10.88
CA GLU A 243 10.34 -10.30 10.28
C GLU A 243 9.95 -8.84 10.18
N ALA A 244 8.68 -8.54 9.86
CA ALA A 244 8.28 -7.13 9.83
C ALA A 244 8.43 -6.46 11.20
N GLU A 245 8.11 -7.17 12.27
CA GLU A 245 8.33 -6.73 13.61
C GLU A 245 9.82 -6.64 13.96
N ARG A 246 10.59 -7.67 13.61
CA ARG A 246 12.01 -7.63 13.97
C ARG A 246 12.73 -6.46 13.32
N LEU A 247 12.44 -6.25 12.04
CA LEU A 247 13.11 -5.21 11.28
C LEU A 247 12.40 -3.87 11.29
N LYS A 248 11.27 -3.79 11.97
CA LYS A 248 10.46 -2.61 12.11
C LYS A 248 10.05 -2.05 10.75
N LEU A 249 9.34 -2.90 10.00
CA LEU A 249 8.79 -2.50 8.70
C LEU A 249 7.26 -2.50 8.74
N GLY A 250 6.61 -1.65 7.97
CA GLY A 250 5.15 -1.61 7.92
C GLY A 250 4.62 -2.78 7.11
N TYR A 251 3.42 -3.24 7.43
CA TYR A 251 2.80 -4.30 6.62
C TYR A 251 1.30 -3.98 6.53
N ILE A 252 0.68 -4.49 5.46
CA ILE A 252 -0.75 -4.23 5.25
C ILE A 252 -1.31 -5.55 4.71
N GLY A 253 -2.26 -6.17 5.40
CA GLY A 253 -2.79 -7.42 4.91
C GLY A 253 -3.86 -7.27 3.86
N TRP A 254 -4.05 -8.26 3.01
CA TRP A 254 -5.17 -8.23 2.05
C TRP A 254 -6.14 -9.34 2.46
N SER A 255 -7.42 -9.09 2.64
CA SER A 255 -8.05 -7.79 2.62
C SER A 255 -9.26 -7.87 3.59
N TRP A 256 -9.87 -6.75 3.93
CA TRP A 256 -10.99 -6.76 4.90
C TRP A 256 -12.09 -7.76 4.61
N SER A 257 -12.69 -7.69 3.44
CA SER A 257 -13.78 -8.60 3.05
C SER A 257 -14.12 -8.42 1.58
N GLY A 258 -14.99 -9.28 1.05
CA GLY A 258 -15.48 -9.14 -0.29
C GLY A 258 -14.59 -9.64 -1.41
N ASN A 259 -13.58 -10.54 -1.06
CA ASN A 259 -12.78 -11.07 -2.15
C ASN A 259 -13.66 -11.91 -3.08
N GLY A 260 -13.42 -11.88 -4.32
CA GLY A 260 -14.11 -12.75 -5.29
C GLY A 260 -12.95 -13.48 -6.02
N GLY A 261 -13.17 -13.80 -7.28
CA GLY A 261 -12.24 -14.40 -8.17
C GLY A 261 -11.34 -15.51 -7.66
N GLY A 262 -11.89 -16.41 -6.85
CA GLY A 262 -11.12 -17.52 -6.35
C GLY A 262 -10.41 -17.29 -5.03
N VAL A 263 -10.08 -16.02 -4.64
CA VAL A 263 -9.37 -15.78 -3.39
C VAL A 263 -10.23 -15.39 -2.22
N GLU A 264 -11.48 -16.00 -2.08
CA GLU A 264 -12.39 -15.75 -0.99
C GLU A 264 -11.81 -16.04 0.38
N TYR A 265 -10.77 -16.83 0.60
CA TYR A 265 -10.06 -17.15 1.80
C TYR A 265 -9.16 -16.02 2.27
N LEU A 266 -9.03 -14.96 1.47
CA LEU A 266 -8.32 -13.76 1.92
C LEU A 266 -9.23 -12.80 2.65
N ASP A 267 -10.53 -13.09 2.78
CA ASP A 267 -11.38 -12.21 3.60
C ASP A 267 -11.00 -12.31 5.06
N MET A 268 -10.85 -11.22 5.78
CA MET A 268 -10.53 -11.19 7.20
C MET A 268 -11.79 -11.27 8.06
N VAL A 269 -12.87 -10.72 7.53
CA VAL A 269 -14.18 -10.82 8.17
C VAL A 269 -15.17 -11.30 7.07
N TYR A 270 -16.20 -12.00 7.54
CA TYR A 270 -17.26 -12.45 6.64
C TYR A 270 -18.31 -11.39 6.41
N ASN A 271 -18.61 -11.20 5.14
CA ASN A 271 -19.63 -10.29 4.64
C ASN A 271 -19.62 -8.94 5.32
N PHE A 272 -18.44 -8.33 5.44
CA PHE A 272 -18.22 -7.01 6.00
C PHE A 272 -18.75 -6.78 7.41
N ASP A 273 -18.92 -7.85 8.16
CA ASP A 273 -19.41 -7.85 9.54
C ASP A 273 -18.17 -7.82 10.43
N GLY A 274 -17.87 -6.69 11.01
CA GLY A 274 -16.73 -6.43 11.84
C GLY A 274 -16.51 -7.29 13.06
N ASP A 275 -17.52 -8.00 13.52
CA ASP A 275 -17.45 -8.89 14.64
C ASP A 275 -17.34 -10.33 14.16
N ASN A 276 -17.38 -10.57 12.85
CA ASN A 276 -17.33 -11.95 12.39
C ASN A 276 -16.02 -12.29 11.71
N LEU A 277 -14.95 -12.44 12.49
CA LEU A 277 -13.64 -12.76 11.97
C LEU A 277 -13.49 -14.17 11.42
N SER A 278 -12.79 -14.28 10.31
CA SER A 278 -12.37 -15.55 9.76
C SER A 278 -11.06 -15.87 10.47
N PRO A 279 -10.52 -17.06 10.25
CA PRO A 279 -9.25 -17.49 10.80
C PRO A 279 -8.11 -16.57 10.35
N TRP A 280 -8.17 -16.07 9.11
CA TRP A 280 -7.18 -15.08 8.65
C TRP A 280 -7.31 -13.78 9.43
N GLY A 281 -8.52 -13.27 9.65
CA GLY A 281 -8.75 -12.05 10.42
C GLY A 281 -8.21 -12.26 11.84
N GLU A 282 -8.48 -13.41 12.45
CA GLU A 282 -7.94 -13.65 13.80
C GLU A 282 -6.41 -13.73 13.76
N ARG A 283 -5.79 -14.29 12.73
CA ARG A 283 -4.34 -14.37 12.70
C ARG A 283 -3.71 -12.99 12.60
N ILE A 284 -4.21 -12.24 11.60
CA ILE A 284 -3.56 -10.94 11.35
C ILE A 284 -3.80 -9.90 12.42
N PHE A 285 -4.99 -9.87 13.04
CA PHE A 285 -5.22 -8.87 14.09
C PHE A 285 -4.74 -9.33 15.47
N TYR A 286 -5.09 -10.55 15.83
CA TYR A 286 -4.86 -11.07 17.17
C TYR A 286 -3.77 -12.10 17.32
N GLY A 287 -3.16 -12.63 16.27
CA GLY A 287 -2.09 -13.63 16.45
C GLY A 287 -0.78 -12.95 16.79
N PRO A 288 0.28 -13.75 16.97
CA PRO A 288 1.61 -13.27 17.25
C PRO A 288 2.10 -12.29 16.20
N ASN A 289 2.64 -11.17 16.66
CA ASN A 289 3.15 -10.08 15.84
C ASN A 289 2.06 -9.40 15.03
N GLY A 290 0.83 -9.55 15.46
CA GLY A 290 -0.38 -9.07 14.85
C GLY A 290 -0.66 -7.59 15.13
N ILE A 291 -1.67 -7.11 14.40
CA ILE A 291 -1.99 -5.70 14.41
C ILE A 291 -2.39 -5.19 15.78
N ALA A 292 -3.31 -5.86 16.47
CA ALA A 292 -3.76 -5.38 17.77
C ALA A 292 -2.66 -5.28 18.81
N SER A 293 -1.68 -6.17 18.80
CA SER A 293 -0.60 -6.11 19.78
C SER A 293 0.58 -5.27 19.33
N THR A 294 0.73 -4.91 18.05
CA THR A 294 1.93 -4.18 17.67
C THR A 294 1.64 -2.78 17.16
N ALA A 295 0.44 -2.48 16.67
CA ALA A 295 0.18 -1.19 16.08
C ALA A 295 0.08 -0.07 17.13
N LYS A 296 0.48 1.11 16.69
CA LYS A 296 0.38 2.35 17.45
C LYS A 296 -0.34 3.37 16.57
N GLU A 297 -1.33 4.09 17.03
CA GLU A 297 -1.97 5.15 16.26
C GLU A 297 -0.97 6.25 15.93
N ALA A 298 -1.18 6.90 14.81
CA ALA A 298 -0.31 7.99 14.36
C ALA A 298 -0.47 9.11 15.40
N VAL A 299 0.64 9.77 15.71
CA VAL A 299 0.61 10.76 16.79
C VAL A 299 0.00 12.05 16.32
N ILE A 300 -0.19 12.24 15.01
CA ILE A 300 -0.86 13.41 14.51
C ILE A 300 -2.29 13.49 15.04
N PHE A 301 -2.92 12.37 15.40
CA PHE A 301 -4.29 12.43 15.87
C PHE A 301 -4.41 12.82 17.35
N GLY A 302 -3.32 12.73 18.09
CA GLY A 302 -3.36 13.18 19.49
C GLY A 302 -3.17 14.70 19.47
#